data_3CBT
#
_entry.id   3CBT
#
_cell.length_a   39.738
_cell.length_b   77.271
_cell.length_c   80.044
_cell.angle_alpha   90.00
_cell.angle_beta   90.00
_cell.angle_gamma   90.00
#
_symmetry.space_group_name_H-M   'P 21 21 21'
#
loop_
_entity.id
_entity.type
_entity.pdbx_description
1 polymer 'Phosphatase SC4828'
2 non-polymer 'MAGNESIUM ION'
3 non-polymer 'SODIUM ION'
4 water water
#
_entity_poly.entity_id   1
_entity_poly.type   'polypeptide(L)'
_entity_poly.pdbx_seq_one_letter_code
;G(MSE)TDGEAVSAAAGPGAEGPPGPVGHWAPGSHILWRYRENGGPHVHIARPVTVVRDDADLLAVWLAPGTECVKPVLA
DGTPVHLEPLATRYTKPRTVQRDQWFGTGVLKLARPGEAWSVWLFWDPGWRFKNWYVNLERPLTRWEGGVDSEDHFLDIS
VHPDRTWHWRDEDEFAQALRDGL(MSE)DPASAGRVRRAGRSAVAEIRAWGSPFADGWEHWRPDPAWPVPSLPGDWDRTP
AHVSS
;
_entity_poly.pdbx_strand_id   A
#
loop_
_chem_comp.id
_chem_comp.type
_chem_comp.name
_chem_comp.formula
MG non-polymer 'MAGNESIUM ION' 'Mg 2'
NA non-polymer 'SODIUM ION' 'Na 1'
#
# COMPACT_ATOMS: atom_id res chain seq x y z
N GLY A 24 14.92 16.32 -2.38
CA GLY A 24 15.70 15.56 -3.40
C GLY A 24 15.24 14.12 -3.37
N HIS A 25 16.16 13.20 -3.64
CA HIS A 25 15.86 11.77 -3.59
C HIS A 25 16.64 11.07 -2.52
N TRP A 26 16.04 10.06 -1.91
CA TRP A 26 16.71 9.25 -0.91
C TRP A 26 17.70 8.27 -1.55
N ALA A 27 18.86 8.10 -0.92
CA ALA A 27 19.82 7.11 -1.39
C ALA A 27 19.29 5.70 -1.16
N PRO A 28 19.58 4.75 -2.08
CA PRO A 28 19.28 3.35 -1.76
C PRO A 28 19.86 2.92 -0.40
N GLY A 29 19.08 2.17 0.38
CA GLY A 29 19.47 1.75 1.72
C GLY A 29 18.93 2.64 2.82
N SER A 30 18.45 3.83 2.44
CA SER A 30 17.86 4.80 3.37
C SER A 30 16.63 4.16 4.01
N HIS A 31 16.40 4.49 5.28
CA HIS A 31 15.17 4.09 5.97
C HIS A 31 14.14 5.22 6.00
N ILE A 32 12.94 4.91 5.51
CA ILE A 32 11.84 5.89 5.50
C ILE A 32 10.54 5.22 6.00
N LEU A 33 9.46 6.00 6.12
CA LEU A 33 8.15 5.46 6.54
C LEU A 33 7.22 5.55 5.36
N TRP A 34 6.51 4.47 5.09
CA TRP A 34 5.42 4.48 4.11
C TRP A 34 4.13 4.47 4.93
N ARG A 35 3.31 5.51 4.78
CA ARG A 35 2.18 5.68 5.71
C ARG A 35 0.86 5.88 5.02
N TYR A 36 -0.23 5.49 5.72
CA TYR A 36 -1.61 5.87 5.33
C TYR A 36 -2.30 6.61 6.45
N ARG A 37 -3.03 7.67 6.09
CA ARG A 37 -3.93 8.32 7.03
C ARG A 37 -5.19 7.51 7.24
N GLU A 38 -5.81 7.72 8.39
CA GLU A 38 -7.19 7.29 8.61
C GLU A 38 -8.08 7.83 7.50
N ASN A 39 -9.20 7.14 7.29
CA ASN A 39 -10.09 7.51 6.22
C ASN A 39 -10.82 8.79 6.64
N GLY A 40 -10.70 9.84 5.84
CA GLY A 40 -11.42 11.09 6.10
C GLY A 40 -10.86 11.97 7.19
N GLY A 41 -9.66 11.64 7.67
CA GLY A 41 -9.06 12.41 8.75
C GLY A 41 -7.56 12.56 8.59
N PRO A 42 -6.96 13.37 9.47
CA PRO A 42 -5.58 13.75 9.37
C PRO A 42 -4.55 12.79 10.01
N HIS A 43 -4.97 11.93 10.92
CA HIS A 43 -4.02 11.14 11.71
C HIS A 43 -3.54 9.90 10.97
N VAL A 44 -2.30 9.52 11.24
CA VAL A 44 -1.70 8.31 10.63
C VAL A 44 -2.27 7.06 11.28
N HIS A 45 -2.77 6.13 10.45
CA HIS A 45 -3.21 4.83 11.00
C HIS A 45 -2.35 3.66 10.57
N ILE A 46 -1.63 3.81 9.47
CA ILE A 46 -0.65 2.77 9.06
C ILE A 46 0.69 3.44 8.90
N ALA A 47 1.73 2.82 9.47
CA ALA A 47 3.10 3.33 9.31
C ALA A 47 4.01 2.13 9.20
N ARG A 48 4.74 2.06 8.09
CA ARG A 48 5.58 0.91 7.81
C ARG A 48 6.99 1.38 7.51
N PRO A 49 7.95 1.09 8.42
CA PRO A 49 9.37 1.36 8.12
C PRO A 49 9.81 0.52 6.91
N VAL A 50 10.41 1.17 5.91
CA VAL A 50 10.86 0.49 4.69
C VAL A 50 12.27 0.93 4.30
N THR A 51 12.93 0.11 3.49
CA THR A 51 14.26 0.45 3.02
C THR A 51 14.12 0.90 1.57
N VAL A 52 14.71 2.04 1.23
CA VAL A 52 14.62 2.57 -0.13
C VAL A 52 15.47 1.68 -1.06
N VAL A 53 14.83 1.17 -2.12
CA VAL A 53 15.50 0.38 -3.16
C VAL A 53 15.94 1.28 -4.31
N ARG A 54 15.05 2.17 -4.73
CA ARG A 54 15.30 3.17 -5.79
C ARG A 54 14.46 4.39 -5.57
N ASP A 55 14.99 5.59 -5.89
CA ASP A 55 14.18 6.78 -5.77
C ASP A 55 14.66 7.79 -6.79
N ASP A 56 13.91 7.96 -7.86
CA ASP A 56 14.30 8.90 -8.90
C ASP A 56 13.05 9.50 -9.54
N ALA A 57 13.24 10.30 -10.60
CA ALA A 57 12.12 11.00 -11.26
C ALA A 57 10.98 10.09 -11.72
N ASP A 58 11.31 8.85 -12.06
CA ASP A 58 10.31 7.94 -12.63
C ASP A 58 9.70 6.93 -11.63
N LEU A 59 10.36 6.75 -10.50
CA LEU A 59 9.95 5.67 -9.59
C LEU A 59 10.50 5.78 -8.17
N LEU A 60 9.65 5.50 -7.18
CA LEU A 60 10.08 5.16 -5.83
C LEU A 60 9.80 3.68 -5.64
N ALA A 61 10.85 2.96 -5.24
CA ALA A 61 10.75 1.53 -4.91
C ALA A 61 11.24 1.33 -3.50
N VAL A 62 10.47 0.62 -2.68
CA VAL A 62 10.89 0.37 -1.30
C VAL A 62 10.69 -1.09 -0.92
N TRP A 63 11.45 -1.56 0.07
CA TRP A 63 11.31 -2.93 0.57
C TRP A 63 10.81 -2.98 2.00
N LEU A 64 9.72 -3.71 2.22
CA LEU A 64 9.15 -3.92 3.55
C LEU A 64 9.54 -5.35 3.97
N ALA A 65 10.46 -5.43 4.94
CA ALA A 65 11.08 -6.70 5.33
C ALA A 65 10.21 -7.48 6.30
N PRO A 66 10.23 -8.82 6.21
CA PRO A 66 9.51 -9.55 7.24
C PRO A 66 10.07 -9.19 8.62
N GLY A 67 9.20 -9.19 9.62
CA GLY A 67 9.61 -8.94 11.02
C GLY A 67 9.68 -7.47 11.38
N THR A 68 9.36 -6.59 10.43
CA THR A 68 9.47 -5.13 10.70
C THR A 68 8.36 -4.67 11.65
N GLU A 69 8.69 -3.88 12.67
CA GLU A 69 7.61 -3.33 13.51
C GLU A 69 6.85 -2.22 12.77
N CYS A 70 5.52 -2.39 12.64
CA CYS A 70 4.64 -1.45 11.94
C CYS A 70 3.48 -1.02 12.84
N VAL A 71 2.82 0.07 12.42
CA VAL A 71 1.55 0.47 12.99
C VAL A 71 0.42 0.16 12.03
N LYS A 72 -0.71 -0.29 12.58
CA LYS A 72 -1.91 -0.53 11.78
C LYS A 72 -3.16 -0.23 12.63
N PRO A 73 -4.30 0.03 11.98
CA PRO A 73 -5.52 0.28 12.74
C PRO A 73 -6.14 -1.03 13.23
N VAL A 74 -6.87 -0.90 14.31
CA VAL A 74 -7.66 -2.01 14.87
C VAL A 74 -8.93 -1.36 15.39
N LEU A 75 -10.03 -2.11 15.47
CA LEU A 75 -11.21 -1.56 16.14
C LEU A 75 -10.93 -1.27 17.61
N ALA A 76 -11.63 -0.29 18.17
CA ALA A 76 -11.33 0.15 19.53
C ALA A 76 -11.58 -1.00 20.52
N ASP A 77 -12.45 -1.94 20.16
CA ASP A 77 -12.70 -3.06 21.11
C ASP A 77 -11.70 -4.19 20.93
N GLY A 78 -10.72 -4.00 20.04
CA GLY A 78 -9.68 -4.99 19.78
C GLY A 78 -9.88 -5.90 18.59
N THR A 79 -11.05 -5.83 17.95
CA THR A 79 -11.35 -6.63 16.76
C THR A 79 -10.46 -6.22 15.59
N PRO A 80 -9.73 -7.18 14.98
CA PRO A 80 -9.05 -6.83 13.71
C PRO A 80 -10.01 -6.24 12.67
N VAL A 81 -9.59 -5.17 12.02
CA VAL A 81 -10.44 -4.56 11.01
C VAL A 81 -11.03 -5.58 10.01
N HIS A 82 -10.20 -6.48 9.50
CA HIS A 82 -10.63 -7.43 8.48
C HIS A 82 -11.66 -8.46 9.01
N LEU A 83 -11.69 -8.61 10.34
CA LEU A 83 -12.62 -9.54 11.01
C LEU A 83 -13.95 -8.91 11.40
N GLU A 84 -13.99 -7.59 11.45
CA GLU A 84 -15.26 -6.91 11.72
C GLU A 84 -16.17 -7.11 10.52
N PRO A 85 -17.43 -7.55 10.75
CA PRO A 85 -18.39 -7.65 9.65
CA PRO A 85 -18.36 -7.66 9.63
C PRO A 85 -18.42 -6.36 8.84
N LEU A 86 -18.54 -6.50 7.54
CA LEU A 86 -18.50 -5.39 6.58
C LEU A 86 -19.44 -4.23 6.93
N ALA A 87 -20.63 -4.55 7.46
CA ALA A 87 -21.62 -3.53 7.83
C ALA A 87 -21.16 -2.51 8.89
N THR A 88 -20.15 -2.87 9.68
CA THR A 88 -19.66 -2.00 10.75
C THR A 88 -18.14 -1.76 10.67
N ARG A 89 -17.49 -2.41 9.70
CA ARG A 89 -16.03 -2.33 9.52
C ARG A 89 -15.51 -0.89 9.43
N TYR A 90 -16.30 -0.03 8.81
CA TYR A 90 -15.90 1.36 8.53
C TYR A 90 -16.66 2.37 9.37
N THR A 91 -17.51 1.89 10.28
CA THR A 91 -18.23 2.83 11.14
C THR A 91 -17.81 2.76 12.61
N LYS A 92 -17.37 1.61 13.09
CA LYS A 92 -16.95 1.53 14.49
C LYS A 92 -15.67 2.34 14.77
N PRO A 93 -15.55 2.88 15.99
CA PRO A 93 -14.32 3.59 16.36
C PRO A 93 -13.08 2.73 16.19
N ARG A 94 -11.97 3.39 15.83
CA ARG A 94 -10.69 2.70 15.63
C ARG A 94 -9.62 3.28 16.51
N THR A 95 -8.61 2.46 16.76
CA THR A 95 -7.39 2.96 17.32
C THR A 95 -6.22 2.36 16.55
N VAL A 96 -5.00 2.61 17.00
CA VAL A 96 -3.83 2.05 16.33
C VAL A 96 -3.12 1.03 17.23
N GLN A 97 -2.44 0.06 16.63
CA GLN A 97 -1.63 -0.90 17.35
C GLN A 97 -0.28 -1.00 16.67
N ARG A 98 0.77 -1.25 17.46
CA ARG A 98 2.10 -1.58 16.94
C ARG A 98 2.23 -3.09 16.99
N ASP A 99 2.69 -3.68 15.90
CA ASP A 99 3.00 -5.10 15.94
C ASP A 99 3.88 -5.43 14.76
N GLN A 100 4.45 -6.63 14.78
CA GLN A 100 5.35 -7.06 13.70
C GLN A 100 4.53 -7.26 12.45
N TRP A 101 5.09 -6.85 11.31
CA TRP A 101 4.47 -7.11 10.02
C TRP A 101 4.19 -8.60 9.90
N PHE A 102 3.00 -8.93 9.43
CA PHE A 102 2.66 -10.32 9.29
C PHE A 102 3.06 -10.86 7.92
N GLY A 103 3.83 -11.94 7.96
CA GLY A 103 4.11 -12.75 6.79
C GLY A 103 5.29 -12.27 5.98
N THR A 104 5.29 -12.67 4.72
CA THR A 104 6.40 -12.44 3.81
C THR A 104 6.55 -10.94 3.47
N GLY A 105 7.73 -10.54 3.02
CA GLY A 105 8.03 -9.12 2.71
C GLY A 105 7.32 -8.65 1.46
N VAL A 106 7.34 -7.32 1.24
CA VAL A 106 6.64 -6.73 0.10
C VAL A 106 7.58 -5.70 -0.54
N LEU A 107 7.77 -5.80 -1.86
CA LEU A 107 8.43 -4.71 -2.60
C LEU A 107 7.33 -3.77 -3.13
N LYS A 108 7.37 -2.47 -2.82
CA LYS A 108 6.33 -1.53 -3.25
C LYS A 108 6.93 -0.54 -4.25
N LEU A 109 6.22 -0.32 -5.36
CA LEU A 109 6.67 0.58 -6.43
C LEU A 109 5.62 1.64 -6.66
N ALA A 110 6.05 2.90 -6.81
CA ALA A 110 5.06 3.96 -7.06
C ALA A 110 5.64 4.97 -8.01
N ARG A 111 4.84 5.31 -9.06
CA ARG A 111 5.34 6.42 -9.95
C ARG A 111 4.85 7.80 -9.45
N PRO A 112 5.72 8.84 -9.49
CA PRO A 112 5.23 10.14 -8.99
C PRO A 112 3.95 10.59 -9.66
N GLY A 113 2.99 11.06 -8.85
CA GLY A 113 1.73 11.60 -9.32
C GLY A 113 0.66 10.55 -9.59
N GLU A 114 1.04 9.28 -9.59
CA GLU A 114 0.13 8.22 -10.02
C GLU A 114 -0.77 7.74 -8.85
N ALA A 115 -2.06 7.54 -9.14
CA ALA A 115 -3.06 7.22 -8.09
C ALA A 115 -3.15 5.70 -7.77
N TRP A 116 -1.95 5.11 -7.73
CA TRP A 116 -1.76 3.75 -7.23
C TRP A 116 -0.28 3.46 -7.03
N SER A 117 -0.07 2.39 -6.25
CA SER A 117 1.26 1.77 -6.16
C SER A 117 1.11 0.30 -6.53
N VAL A 118 2.21 -0.31 -6.93
CA VAL A 118 2.20 -1.73 -7.29
C VAL A 118 3.09 -2.51 -6.34
N TRP A 119 2.54 -3.54 -5.71
CA TRP A 119 3.32 -4.27 -4.69
C TRP A 119 3.56 -5.70 -5.18
N LEU A 120 4.78 -6.21 -4.97
CA LEU A 120 5.11 -7.57 -5.38
C LEU A 120 5.21 -8.45 -4.15
N PHE A 121 4.64 -9.65 -4.28
CA PHE A 121 4.70 -10.67 -3.25
C PHE A 121 5.28 -11.96 -3.82
N TRP A 122 6.08 -12.67 -3.02
CA TRP A 122 6.64 -13.96 -3.43
C TRP A 122 6.20 -15.03 -2.43
N ASP A 123 5.95 -16.21 -2.94
CA ASP A 123 5.90 -17.38 -2.07
C ASP A 123 7.29 -17.74 -1.54
N PRO A 124 7.37 -18.67 -0.58
CA PRO A 124 8.69 -18.99 -0.03
C PRO A 124 9.75 -19.37 -1.06
N GLY A 125 11.00 -19.07 -0.73
CA GLY A 125 12.09 -19.31 -1.68
C GLY A 125 12.04 -18.41 -2.92
N TRP A 126 11.47 -17.22 -2.75
CA TRP A 126 11.46 -16.23 -3.82
C TRP A 126 10.84 -16.77 -5.09
N ARG A 127 9.72 -17.47 -4.93
CA ARG A 127 8.97 -17.94 -6.10
C ARG A 127 7.86 -16.92 -6.34
N PHE A 128 8.02 -16.12 -7.38
CA PHE A 128 7.10 -14.99 -7.53
C PHE A 128 5.63 -15.40 -7.52
N LYS A 129 4.81 -14.64 -6.80
CA LYS A 129 3.38 -14.94 -6.69
C LYS A 129 2.48 -14.00 -7.47
N ASN A 130 2.53 -12.71 -7.17
CA ASN A 130 1.68 -11.77 -7.90
CA ASN A 130 1.56 -11.74 -7.75
C ASN A 130 2.06 -10.32 -7.68
N TRP A 131 1.56 -9.47 -8.59
CA TRP A 131 1.61 -8.02 -8.38
C TRP A 131 0.24 -7.62 -7.85
N TYR A 132 0.22 -6.60 -6.99
CA TYR A 132 -1.05 -6.09 -6.46
C TYR A 132 -1.07 -4.61 -6.70
N VAL A 133 -2.10 -4.14 -7.41
CA VAL A 133 -2.22 -2.71 -7.65
C VAL A 133 -3.08 -2.14 -6.53
N ASN A 134 -2.49 -1.27 -5.69
CA ASN A 134 -3.23 -0.69 -4.60
C ASN A 134 -3.69 0.72 -5.03
N LEU A 135 -4.97 0.87 -5.37
CA LEU A 135 -5.47 2.21 -5.70
C LEU A 135 -5.47 3.11 -4.45
N GLU A 136 -4.97 4.32 -4.59
CA GLU A 136 -4.67 5.16 -3.40
C GLU A 136 -4.38 6.56 -3.86
N ARG A 137 -4.48 7.51 -2.93
CA ARG A 137 -4.06 8.88 -3.26
C ARG A 137 -2.57 8.89 -3.67
N PRO A 138 -2.22 9.61 -4.77
CA PRO A 138 -0.80 9.68 -5.11
C PRO A 138 0.04 10.08 -3.89
N LEU A 139 1.16 9.36 -3.70
CA LEU A 139 2.03 9.61 -2.52
C LEU A 139 2.41 11.05 -2.42
N THR A 140 2.36 11.54 -1.19
CA THR A 140 2.91 12.85 -0.81
C THR A 140 4.25 12.67 -0.07
N ARG A 141 5.32 13.22 -0.63
CA ARG A 141 6.63 13.11 -0.02
C ARG A 141 6.74 14.14 1.10
N TRP A 142 7.37 13.71 2.19
CA TRP A 142 7.70 14.59 3.32
C TRP A 142 9.06 14.15 3.90
N GLU A 143 9.57 14.86 4.91
CA GLU A 143 10.96 14.59 5.37
C GLU A 143 11.24 13.14 5.77
N GLY A 144 10.22 12.47 6.32
CA GLY A 144 10.39 11.13 6.89
C GLY A 144 9.92 10.00 6.01
N GLY A 145 9.38 10.34 4.84
CA GLY A 145 8.85 9.30 3.92
C GLY A 145 7.70 9.75 3.02
N VAL A 146 6.72 8.86 2.84
CA VAL A 146 5.61 9.12 1.87
C VAL A 146 4.29 8.76 2.53
N ASP A 147 3.26 9.58 2.29
CA ASP A 147 1.94 9.37 2.88
C ASP A 147 0.86 9.26 1.79
N SER A 148 -0.14 8.41 2.06
CA SER A 148 -1.27 8.25 1.15
C SER A 148 -2.56 8.02 1.96
N GLU A 149 -3.66 7.76 1.23
CA GLU A 149 -4.96 7.42 1.79
C GLU A 149 -5.42 6.30 0.90
N ASP A 150 -5.92 5.22 1.50
CA ASP A 150 -6.27 4.05 0.66
C ASP A 150 -7.64 4.25 -0.01
N HIS A 151 -7.78 3.74 -1.24
CA HIS A 151 -8.99 3.97 -2.02
C HIS A 151 -9.80 2.66 -2.16
N PHE A 152 -9.49 1.71 -1.29
CA PHE A 152 -10.28 0.49 -1.03
C PHE A 152 -10.14 -0.62 -2.10
N LEU A 153 -10.32 -0.21 -3.34
CA LEU A 153 -10.28 -1.16 -4.44
C LEU A 153 -8.84 -1.57 -4.79
N ASP A 154 -8.62 -2.85 -5.01
CA ASP A 154 -7.30 -3.33 -5.41
C ASP A 154 -7.45 -4.17 -6.68
N ILE A 155 -6.31 -4.44 -7.33
CA ILE A 155 -6.27 -5.33 -8.49
C ILE A 155 -5.17 -6.33 -8.24
N SER A 156 -5.44 -7.60 -8.52
CA SER A 156 -4.42 -8.63 -8.45
C SER A 156 -4.00 -9.05 -9.87
N VAL A 157 -2.68 -9.15 -10.09
CA VAL A 157 -2.16 -9.52 -11.42
C VAL A 157 -1.25 -10.73 -11.26
N HIS A 158 -1.46 -11.72 -12.14
CA HIS A 158 -0.76 -13.00 -12.03
C HIS A 158 0.35 -13.08 -13.08
N PRO A 159 1.39 -13.94 -12.85
CA PRO A 159 2.51 -14.02 -13.79
C PRO A 159 2.08 -14.36 -15.21
N ASP A 160 0.94 -15.04 -15.34
CA ASP A 160 0.39 -15.35 -16.68
C ASP A 160 -0.34 -14.17 -17.35
N ARG A 161 -0.30 -13.00 -16.68
CA ARG A 161 -0.86 -11.71 -17.21
C ARG A 161 -2.38 -11.59 -17.04
N THR A 162 -3.01 -12.56 -16.39
CA THR A 162 -4.42 -12.39 -16.05
C THR A 162 -4.55 -11.50 -14.82
N TRP A 163 -5.74 -10.95 -14.65
CA TRP A 163 -5.98 -10.01 -13.55
C TRP A 163 -7.40 -10.14 -13.04
N HIS A 164 -7.62 -9.68 -11.81
CA HIS A 164 -8.98 -9.56 -11.27
C HIS A 164 -9.02 -8.51 -10.18
N TRP A 165 -10.21 -8.01 -9.90
CA TRP A 165 -10.35 -7.00 -8.81
C TRP A 165 -10.21 -7.72 -7.48
N ARG A 166 -9.86 -6.95 -6.45
CA ARG A 166 -9.92 -7.47 -5.08
C ARG A 166 -10.55 -6.39 -4.23
N ASP A 167 -11.25 -6.81 -3.17
CA ASP A 167 -11.91 -5.88 -2.24
C ASP A 167 -12.98 -4.95 -2.83
N GLU A 168 -13.66 -5.39 -3.89
CA GLU A 168 -14.75 -4.61 -4.44
C GLU A 168 -15.89 -4.43 -3.41
N ASP A 169 -16.08 -5.44 -2.57
CA ASP A 169 -17.07 -5.40 -1.47
CA ASP A 169 -17.11 -5.35 -1.52
C ASP A 169 -16.78 -4.27 -0.48
N GLU A 170 -15.50 -4.14 -0.11
CA GLU A 170 -15.05 -3.05 0.78
C GLU A 170 -15.22 -1.69 0.12
N PHE A 171 -14.84 -1.59 -1.16
CA PHE A 171 -15.04 -0.36 -1.92
C PHE A 171 -16.51 0.10 -1.86
N ALA A 172 -17.41 -0.81 -2.20
CA ALA A 172 -18.84 -0.57 -2.20
C ALA A 172 -19.33 -0.09 -0.84
N GLN A 173 -18.91 -0.81 0.20
CA GLN A 173 -19.30 -0.47 1.59
C GLN A 173 -18.80 0.91 2.00
N ALA A 174 -17.55 1.20 1.65
CA ALA A 174 -16.95 2.49 1.95
C ALA A 174 -17.77 3.62 1.30
N LEU A 175 -18.28 3.36 0.09
CA LEU A 175 -19.12 4.33 -0.58
C LEU A 175 -20.45 4.50 0.17
N ARG A 176 -21.08 3.39 0.51
CA ARG A 176 -22.35 3.42 1.25
C ARG A 176 -22.23 4.14 2.58
N ASP A 177 -21.08 3.97 3.23
CA ASP A 177 -20.81 4.63 4.51
C ASP A 177 -20.30 6.07 4.38
N GLY A 178 -20.23 6.56 3.14
CA GLY A 178 -19.84 7.95 2.88
C GLY A 178 -18.36 8.28 3.04
N LEU A 179 -17.52 7.25 3.09
CA LEU A 179 -16.07 7.46 3.14
C LEU A 179 -15.55 8.06 1.83
N MSE A 180 -16.33 7.87 0.76
CA MSE A 180 -16.12 8.56 -0.53
C MSE A 180 -17.44 9.11 -1.03
O MSE A 180 -18.49 8.50 -0.83
CB MSE A 180 -15.64 7.57 -1.59
CG MSE A 180 -14.18 7.22 -1.56
SE MSE A 180 -13.91 5.68 -2.74
CE MSE A 180 -15.33 4.56 -2.02
N ASP A 181 -17.40 10.26 -1.69
CA ASP A 181 -18.60 10.75 -2.38
C ASP A 181 -18.58 10.22 -3.82
N PRO A 182 -19.72 10.31 -4.54
CA PRO A 182 -19.75 9.72 -5.90
C PRO A 182 -18.65 10.24 -6.83
N ALA A 183 -18.30 11.52 -6.70
CA ALA A 183 -17.21 12.10 -7.51
C ALA A 183 -15.87 11.41 -7.26
N SER A 184 -15.46 11.33 -5.99
CA SER A 184 -14.21 10.68 -5.63
C SER A 184 -14.22 9.18 -6.01
N ALA A 185 -15.37 8.53 -5.79
CA ALA A 185 -15.55 7.14 -6.21
C ALA A 185 -15.35 6.99 -7.72
N GLY A 186 -15.93 7.91 -8.48
CA GLY A 186 -15.74 7.94 -9.93
C GLY A 186 -14.26 8.01 -10.27
N ARG A 187 -13.52 8.86 -9.55
CA ARG A 187 -12.09 9.04 -9.83
C ARG A 187 -11.33 7.75 -9.54
N VAL A 188 -11.69 7.06 -8.47
CA VAL A 188 -11.04 5.76 -8.17
C VAL A 188 -11.30 4.76 -9.28
N ARG A 189 -12.55 4.65 -9.74
CA ARG A 189 -12.82 3.68 -10.81
C ARG A 189 -12.08 4.03 -12.12
N ARG A 190 -11.96 5.34 -12.40
CA ARG A 190 -11.20 5.85 -13.55
C ARG A 190 -9.74 5.42 -13.46
N ALA A 191 -9.15 5.60 -12.27
CA ALA A 191 -7.80 5.08 -12.00
C ALA A 191 -7.72 3.57 -12.21
N GLY A 192 -8.70 2.82 -11.69
CA GLY A 192 -8.76 1.39 -11.91
C GLY A 192 -8.72 1.03 -13.39
N ARG A 193 -9.52 1.72 -14.19
CA ARG A 193 -9.53 1.47 -15.63
CA ARG A 193 -9.54 1.46 -15.62
C ARG A 193 -8.19 1.80 -16.27
N SER A 194 -7.54 2.86 -15.80
CA SER A 194 -6.20 3.19 -16.33
C SER A 194 -5.17 2.12 -15.97
N ALA A 195 -5.23 1.60 -14.74
CA ALA A 195 -4.30 0.54 -14.34
C ALA A 195 -4.56 -0.72 -15.15
N VAL A 196 -5.85 -1.04 -15.34
CA VAL A 196 -6.22 -2.21 -16.18
C VAL A 196 -5.71 -2.03 -17.61
N ALA A 197 -5.79 -0.82 -18.15
CA ALA A 197 -5.18 -0.60 -19.49
C ALA A 197 -3.66 -0.91 -19.50
N GLU A 198 -2.96 -0.51 -18.42
CA GLU A 198 -1.53 -0.84 -18.28
C GLU A 198 -1.25 -2.34 -18.20
N ILE A 199 -2.09 -3.06 -17.45
CA ILE A 199 -1.96 -4.50 -17.35
C ILE A 199 -2.15 -5.15 -18.72
N ARG A 200 -3.18 -4.71 -19.44
CA ARG A 200 -3.49 -5.30 -20.75
C ARG A 200 -2.38 -5.01 -21.75
N ALA A 201 -1.75 -3.84 -21.63
CA ALA A 201 -0.66 -3.42 -22.52
C ALA A 201 0.67 -4.05 -22.11
N TRP A 202 0.64 -4.73 -20.97
CA TRP A 202 1.84 -5.25 -20.29
C TRP A 202 2.95 -4.19 -20.24
N GLY A 203 2.57 -3.06 -19.66
CA GLY A 203 3.46 -1.90 -19.49
C GLY A 203 4.24 -1.99 -18.18
N SER A 204 4.78 -0.85 -17.74
CA SER A 204 5.47 -0.78 -16.45
C SER A 204 4.46 -0.81 -15.31
N PRO A 205 4.82 -1.42 -14.18
CA PRO A 205 6.08 -2.13 -13.89
C PRO A 205 6.09 -3.66 -14.21
N PHE A 206 4.95 -4.11 -14.76
CA PHE A 206 4.72 -5.57 -14.98
C PHE A 206 5.78 -6.22 -15.87
N ALA A 207 6.09 -5.46 -16.91
CA ALA A 207 7.08 -5.88 -17.92
C ALA A 207 8.52 -5.66 -17.52
N ASP A 208 8.75 -5.07 -16.33
CA ASP A 208 10.07 -4.58 -15.98
C ASP A 208 10.90 -5.53 -15.12
N GLY A 209 10.45 -6.80 -14.95
CA GLY A 209 11.38 -7.69 -14.22
C GLY A 209 11.65 -7.50 -12.74
N TRP A 210 10.77 -6.75 -12.06
CA TRP A 210 10.91 -6.60 -10.62
C TRP A 210 10.74 -7.93 -9.89
N GLU A 211 10.08 -8.88 -10.55
CA GLU A 211 9.93 -10.21 -9.95
C GLU A 211 11.30 -10.90 -9.71
N HIS A 212 12.35 -10.48 -10.44
CA HIS A 212 13.72 -11.00 -10.27
C HIS A 212 14.56 -10.27 -9.22
N TRP A 213 14.02 -9.16 -8.69
CA TRP A 213 14.69 -8.34 -7.71
C TRP A 213 14.91 -9.11 -6.38
N ARG A 214 16.06 -8.88 -5.74
CA ARG A 214 16.28 -9.41 -4.40
C ARG A 214 16.95 -8.35 -3.53
N PRO A 215 16.64 -8.35 -2.21
CA PRO A 215 17.25 -7.42 -1.27
C PRO A 215 18.68 -7.78 -0.97
N ASP A 216 19.42 -6.78 -0.54
CA ASP A 216 20.76 -7.02 -0.06
C ASP A 216 20.63 -7.79 1.27
N PRO A 217 21.27 -8.98 1.36
CA PRO A 217 21.16 -9.78 2.58
C PRO A 217 21.81 -9.08 3.78
N ALA A 218 22.58 -8.04 3.51
CA ALA A 218 23.23 -7.23 4.55
C ALA A 218 22.28 -6.21 5.21
N TRP A 219 21.22 -5.82 4.49
CA TRP A 219 20.30 -4.79 4.97
C TRP A 219 19.68 -5.16 6.29
N PRO A 220 19.76 -4.26 7.29
CA PRO A 220 19.10 -4.58 8.54
C PRO A 220 17.61 -4.31 8.41
N VAL A 221 16.86 -4.83 9.38
CA VAL A 221 15.42 -4.51 9.47
C VAL A 221 15.30 -3.13 10.10
N PRO A 222 14.65 -2.17 9.40
CA PRO A 222 14.51 -0.83 10.01
C PRO A 222 13.60 -0.81 11.23
N SER A 223 13.91 0.08 12.17
CA SER A 223 13.09 0.26 13.37
C SER A 223 11.92 1.22 13.15
N LEU A 224 10.88 1.08 13.96
CA LEU A 224 9.77 2.02 13.96
C LEU A 224 10.21 3.20 14.83
N PRO A 225 10.34 4.40 14.23
CA PRO A 225 10.77 5.57 15.00
C PRO A 225 9.71 5.94 16.02
N GLY A 226 10.16 6.49 17.15
CA GLY A 226 9.23 6.83 18.22
C GLY A 226 8.27 7.94 17.83
N ASP A 227 8.69 8.76 16.85
CA ASP A 227 7.84 9.86 16.34
C ASP A 227 7.22 9.51 14.96
N TRP A 228 6.84 8.24 14.78
CA TRP A 228 6.23 7.74 13.51
C TRP A 228 4.92 8.43 13.13
N ASP A 229 4.30 9.10 14.11
CA ASP A 229 2.98 9.71 13.95
C ASP A 229 3.02 11.18 13.55
N ARG A 230 4.20 11.79 13.47
CA ARG A 230 4.26 13.24 13.21
C ARG A 230 3.68 13.56 11.84
N THR A 231 3.00 14.69 11.72
CA THR A 231 2.37 15.03 10.47
C THR A 231 3.39 15.80 9.60
N PRO A 232 3.25 15.74 8.26
CA PRO A 232 4.13 16.56 7.44
C PRO A 232 3.94 18.04 7.77
N ALA A 233 5.05 18.76 7.83
CA ALA A 233 5.01 20.19 8.17
C ALA A 233 4.32 21.03 7.10
MG MG B . -5.95 -1.05 -1.12
NA NA C . 7.63 -6.62 -12.57
NA NA D . 2.50 4.01 -9.45
NA NA E . 8.58 -8.48 -16.00
#